data_5Y21
#
_entry.id   5Y21
#
_cell.length_a   46.114
_cell.length_b   70.563
_cell.length_c   55.324
_cell.angle_alpha   90.00
_cell.angle_beta   112.78
_cell.angle_gamma   90.00
#
_symmetry.space_group_name_H-M   'P 1 21 1'
#
loop_
_entity.id
_entity.type
_entity.pdbx_description
1 polymer 'PHD finger protein ALFIN-LIKE 2'
2 polymer 'AtRing1a proximal binding site peptide'
3 water water
#
loop_
_entity_poly.entity_id
_entity_poly.type
_entity_poly.pdbx_seq_one_letter_code
_entity_poly.pdbx_strand_id
1 'polypeptide(L)'
;GSPRTVEEIFKDYSARRAALLRALTKDVDDFYSQCDPEKENLCLYGHPNESWEVNLPAEEVPPELPEPALGINFARDGMQ
RKDWLSLVAVHSDCWLLSVSFYFGARLNRNERKRLFSLINDLPTLFDVVTGRKAM
;
A,B
2 'polypeptide(L)' EVRQKKRRKRSTSR C,D
#
# COMPACT_ATOMS: atom_id res chain seq x y z
N SER A 2 18.88 -3.69 -2.41
CA SER A 2 17.79 -2.74 -2.23
C SER A 2 18.30 -1.44 -1.64
N PRO A 3 17.56 -0.35 -1.85
CA PRO A 3 17.88 0.91 -1.15
C PRO A 3 17.83 0.71 0.36
N ARG A 4 18.81 1.28 1.06
CA ARG A 4 18.85 1.10 2.50
C ARG A 4 19.01 2.41 3.27
N THR A 5 19.85 3.32 2.81
CA THR A 5 19.96 4.61 3.49
C THR A 5 18.81 5.52 3.10
N VAL A 6 18.63 6.59 3.89
CA VAL A 6 17.60 7.57 3.54
C VAL A 6 17.86 8.13 2.15
N GLU A 7 19.12 8.43 1.83
CA GLU A 7 19.46 8.96 0.52
C GLU A 7 19.11 7.97 -0.59
N GLU A 8 19.47 6.70 -0.41
CA GLU A 8 19.15 5.68 -1.42
C GLU A 8 17.65 5.50 -1.56
N ILE A 9 16.93 5.46 -0.43
CA ILE A 9 15.48 5.23 -0.49
C ILE A 9 14.78 6.40 -1.16
N PHE A 10 15.23 7.63 -0.84
CA PHE A 10 14.57 8.79 -1.45
C PHE A 10 14.92 8.94 -2.93
N LYS A 11 16.13 8.53 -3.33
CA LYS A 11 16.47 8.51 -4.75
C LYS A 11 15.54 7.57 -5.50
N ASP A 12 15.32 6.38 -4.93
CA ASP A 12 14.37 5.42 -5.50
C ASP A 12 12.96 6.01 -5.55
N TYR A 13 12.48 6.56 -4.43
CA TYR A 13 11.18 7.22 -4.40
C TYR A 13 11.06 8.26 -5.51
N SER A 14 12.04 9.16 -5.61
CA SER A 14 11.93 10.28 -6.53
C SER A 14 11.83 9.79 -7.98
N ALA A 15 12.53 8.71 -8.30
CA ALA A 15 12.50 8.19 -9.66
C ALA A 15 11.16 7.51 -9.96
N ARG A 16 10.65 6.73 -9.00
CA ARG A 16 9.33 6.14 -9.20
C ARG A 16 8.26 7.22 -9.29
N ARG A 17 8.39 8.27 -8.48
CA ARG A 17 7.43 9.38 -8.54
C ARG A 17 7.49 10.08 -9.89
N ALA A 18 8.70 10.31 -10.40
CA ALA A 18 8.85 10.91 -11.71
C ALA A 18 8.14 10.08 -12.77
N ALA A 19 8.27 8.75 -12.68
CA ALA A 19 7.60 7.87 -13.62
C ALA A 19 6.08 8.02 -13.54
N LEU A 20 5.53 8.02 -12.32
CA LEU A 20 4.07 8.07 -12.21
C LEU A 20 3.54 9.45 -12.53
N LEU A 21 4.28 10.50 -12.15
CA LEU A 21 3.88 11.85 -12.57
C LEU A 21 3.79 11.93 -14.09
N ARG A 22 4.77 11.33 -14.79
CA ARG A 22 4.75 11.33 -16.25
C ARG A 22 3.53 10.59 -16.78
N ALA A 23 3.20 9.44 -16.21
CA ALA A 23 2.03 8.69 -16.65
C ALA A 23 0.75 9.50 -16.49
N LEU A 24 0.64 10.29 -15.43
CA LEU A 24 -0.60 10.98 -15.11
C LEU A 24 -0.69 12.37 -15.74
N THR A 25 0.37 12.84 -16.39
CA THR A 25 0.35 14.17 -16.99
C THR A 25 0.80 14.12 -18.45
N LYS A 26 2.12 14.15 -18.69
CA LYS A 26 2.64 14.17 -20.06
C LYS A 26 2.09 13.02 -20.91
N ASP A 27 2.03 11.81 -20.34
CA ASP A 27 1.62 10.63 -21.09
C ASP A 27 0.19 10.19 -20.78
N VAL A 28 -0.67 11.11 -20.32
CA VAL A 28 -1.93 10.68 -19.73
C VAL A 28 -2.85 10.04 -20.77
N ASP A 29 -2.83 10.51 -22.01
CA ASP A 29 -3.72 9.94 -23.03
C ASP A 29 -3.37 8.48 -23.28
N ASP A 30 -2.08 8.18 -23.45
CA ASP A 30 -1.67 6.81 -23.68
C ASP A 30 -1.89 5.96 -22.44
N PHE A 31 -1.57 6.49 -21.26
CA PHE A 31 -1.83 5.77 -20.02
C PHE A 31 -3.31 5.43 -19.89
N TYR A 32 -4.18 6.41 -20.13
CA TYR A 32 -5.62 6.15 -20.08
C TYR A 32 -6.00 5.03 -21.02
N SER A 33 -5.50 5.06 -22.26
CA SER A 33 -5.85 4.05 -23.25
C SER A 33 -5.27 2.67 -22.91
N GLN A 34 -4.17 2.61 -22.16
CA GLN A 34 -3.61 1.32 -21.78
C GLN A 34 -4.43 0.66 -20.68
N CYS A 35 -5.20 1.43 -19.91
CA CYS A 35 -6.04 0.88 -18.86
C CYS A 35 -7.37 0.42 -19.45
N ASP A 36 -7.25 -0.56 -20.34
CA ASP A 36 -8.33 -1.13 -21.12
C ASP A 36 -9.29 -1.91 -20.23
N PRO A 37 -10.53 -1.47 -20.06
CA PRO A 37 -11.47 -2.22 -19.22
C PRO A 37 -11.70 -3.65 -19.68
N GLU A 38 -11.44 -3.97 -20.96
CA GLU A 38 -11.65 -5.31 -21.47
C GLU A 38 -10.53 -6.27 -21.07
N LYS A 39 -9.38 -5.74 -20.66
CA LYS A 39 -8.27 -6.59 -20.26
C LYS A 39 -8.48 -7.09 -18.83
N GLU A 40 -7.58 -7.99 -18.42
CA GLU A 40 -7.54 -8.45 -17.03
C GLU A 40 -7.19 -7.31 -16.10
N ASN A 41 -7.20 -7.55 -14.79
CA ASN A 41 -6.96 -6.46 -13.84
C ASN A 41 -5.54 -5.93 -13.99
N LEU A 42 -5.41 -4.61 -14.09
CA LEU A 42 -4.15 -3.96 -14.38
C LEU A 42 -3.75 -3.03 -13.24
N CYS A 43 -2.44 -2.77 -13.17
CA CYS A 43 -1.86 -1.86 -12.18
C CYS A 43 -0.92 -0.90 -12.87
N LEU A 44 -0.76 0.27 -12.25
CA LEU A 44 0.20 1.27 -12.71
C LEU A 44 1.45 1.21 -11.82
N TYR A 45 2.59 0.88 -12.42
CA TYR A 45 3.86 0.78 -11.73
C TYR A 45 4.75 1.96 -12.11
N GLY A 46 5.50 2.47 -11.13
CA GLY A 46 6.60 3.38 -11.37
C GLY A 46 7.91 2.71 -10.99
N HIS A 47 8.86 2.73 -11.91
CA HIS A 47 10.12 2.01 -11.74
C HIS A 47 11.26 2.96 -11.40
N PRO A 48 12.33 2.46 -10.78
CA PRO A 48 13.43 3.36 -10.34
C PRO A 48 14.29 3.88 -11.48
N ASN A 49 14.03 3.49 -12.73
CA ASN A 49 14.66 4.12 -13.87
C ASN A 49 13.76 5.20 -14.49
N GLU A 50 12.74 5.64 -13.75
CA GLU A 50 11.82 6.72 -14.11
C GLU A 50 10.85 6.33 -15.21
N SER A 51 10.70 5.03 -15.50
CA SER A 51 9.71 4.59 -16.48
C SER A 51 8.45 4.11 -15.77
N TRP A 52 7.31 4.29 -16.44
CA TRP A 52 6.03 3.81 -15.93
C TRP A 52 5.54 2.66 -16.79
N GLU A 53 4.75 1.78 -16.19
CA GLU A 53 4.29 0.58 -16.86
C GLU A 53 2.89 0.24 -16.35
N VAL A 54 2.00 -0.12 -17.27
CA VAL A 54 0.71 -0.68 -16.90
C VAL A 54 0.76 -2.18 -17.19
N ASN A 55 0.50 -3.01 -16.18
CA ASN A 55 0.61 -4.45 -16.38
C ASN A 55 -0.22 -5.19 -15.33
N LEU A 56 -0.30 -6.51 -15.53
CA LEU A 56 -0.88 -7.41 -14.54
C LEU A 56 -0.07 -7.37 -13.24
N PRO A 57 -0.69 -7.72 -12.12
CA PRO A 57 0.05 -7.80 -10.85
C PRO A 57 1.03 -8.97 -10.87
N ALA A 58 1.85 -9.00 -9.83
CA ALA A 58 2.84 -10.05 -9.68
C ALA A 58 2.18 -11.41 -9.71
N GLU A 59 2.75 -12.34 -10.46
CA GLU A 59 2.17 -13.67 -10.56
C GLU A 59 2.26 -14.42 -9.23
N GLU A 60 3.39 -14.32 -8.54
CA GLU A 60 3.62 -15.03 -7.30
C GLU A 60 3.52 -14.09 -6.11
N VAL A 61 2.89 -14.58 -5.04
CA VAL A 61 2.59 -13.76 -3.87
C VAL A 61 3.06 -14.49 -2.61
N PRO A 62 3.46 -13.79 -1.53
CA PRO A 62 3.48 -12.32 -1.47
C PRO A 62 4.64 -11.76 -2.28
N PRO A 63 4.39 -10.66 -2.98
CA PRO A 63 5.44 -10.08 -3.83
C PRO A 63 6.57 -9.51 -3.00
N GLU A 64 7.71 -9.29 -3.65
CA GLU A 64 8.85 -8.74 -2.95
C GLU A 64 8.52 -7.35 -2.42
N LEU A 65 8.00 -6.50 -3.29
CA LEU A 65 7.64 -5.15 -2.91
C LEU A 65 6.13 -5.01 -2.73
N PRO A 66 5.68 -4.07 -1.91
CA PRO A 66 4.25 -3.70 -1.92
C PRO A 66 3.75 -3.52 -3.34
N GLU A 67 2.51 -3.88 -3.57
CA GLU A 67 1.93 -3.85 -4.90
C GLU A 67 1.02 -2.62 -5.06
N PRO A 68 0.98 -2.06 -6.26
CA PRO A 68 0.06 -0.94 -6.51
C PRO A 68 -1.38 -1.43 -6.51
N ALA A 69 -2.30 -0.47 -6.50
CA ALA A 69 -3.72 -0.78 -6.54
C ALA A 69 -4.03 -1.63 -7.77
N LEU A 70 -4.89 -2.62 -7.58
CA LEU A 70 -5.18 -3.63 -8.59
C LEU A 70 -6.49 -3.33 -9.31
N GLY A 71 -6.48 -3.51 -10.63
CA GLY A 71 -7.70 -3.37 -11.40
C GLY A 71 -8.16 -1.95 -11.66
N ILE A 72 -7.23 -1.00 -11.79
CA ILE A 72 -7.66 0.38 -12.04
C ILE A 72 -8.41 0.49 -13.35
N ASN A 73 -8.15 -0.42 -14.30
CA ASN A 73 -8.89 -0.39 -15.56
C ASN A 73 -10.36 -0.76 -15.38
N PHE A 74 -10.71 -1.45 -14.29
CA PHE A 74 -12.11 -1.78 -14.03
C PHE A 74 -12.91 -0.58 -13.52
N ALA A 75 -12.24 0.50 -13.15
CA ALA A 75 -12.89 1.71 -12.65
C ALA A 75 -12.95 2.83 -13.67
N ARG A 76 -12.31 2.66 -14.82
CA ARG A 76 -12.06 3.79 -15.72
C ARG A 76 -13.35 4.31 -16.35
N ASP A 77 -14.15 3.42 -16.92
CA ASP A 77 -15.34 3.85 -17.64
C ASP A 77 -16.52 4.19 -16.73
N GLY A 78 -16.48 3.78 -15.46
CA GLY A 78 -17.53 4.08 -14.52
C GLY A 78 -17.41 5.40 -13.79
N MET A 79 -16.41 6.19 -14.14
CA MET A 79 -16.22 7.47 -13.54
C MET A 79 -15.82 8.52 -14.58
N GLN A 80 -16.03 9.78 -14.28
CA GLN A 80 -15.50 10.85 -15.11
C GLN A 80 -13.97 10.79 -15.11
N ARG A 81 -13.36 11.20 -16.22
CA ARG A 81 -11.92 11.01 -16.37
C ARG A 81 -11.14 11.68 -15.25
N LYS A 82 -11.48 12.94 -14.93
CA LYS A 82 -10.70 13.64 -13.91
C LYS A 82 -10.83 12.96 -12.55
N ASP A 83 -11.95 12.31 -12.27
CA ASP A 83 -12.13 11.61 -11.00
C ASP A 83 -11.37 10.29 -10.99
N TRP A 84 -11.36 9.57 -12.12
CA TRP A 84 -10.53 8.37 -12.22
C TRP A 84 -9.06 8.71 -12.07
N LEU A 85 -8.60 9.78 -12.72
CA LEU A 85 -7.19 10.14 -12.60
C LEU A 85 -6.82 10.51 -11.17
N SER A 86 -7.70 11.21 -10.46
CA SER A 86 -7.39 11.54 -9.07
C SER A 86 -7.38 10.30 -8.20
N LEU A 87 -8.24 9.32 -8.50
CA LEU A 87 -8.24 8.06 -7.77
C LEU A 87 -6.93 7.31 -8.01
N VAL A 88 -6.50 7.21 -9.26
CA VAL A 88 -5.21 6.57 -9.53
C VAL A 88 -4.09 7.33 -8.82
N ALA A 89 -4.20 8.66 -8.78
CA ALA A 89 -3.13 9.48 -8.22
C ALA A 89 -2.98 9.23 -6.73
N VAL A 90 -4.09 9.19 -5.98
CA VAL A 90 -3.97 8.96 -4.55
C VAL A 90 -3.44 7.55 -4.27
N HIS A 91 -3.94 6.56 -4.99
CA HIS A 91 -3.44 5.21 -4.79
C HIS A 91 -1.96 5.13 -5.15
N SER A 92 -1.52 5.91 -6.14
CA SER A 92 -0.12 5.92 -6.51
C SER A 92 0.74 6.62 -5.46
N ASP A 93 0.25 7.74 -4.92
CA ASP A 93 0.95 8.38 -3.79
C ASP A 93 1.12 7.39 -2.64
N CYS A 94 0.07 6.63 -2.34
CA CYS A 94 0.13 5.69 -1.22
C CYS A 94 1.11 4.56 -1.52
N TRP A 95 1.14 4.10 -2.77
CA TRP A 95 2.08 3.05 -3.14
C TRP A 95 3.52 3.53 -3.03
N LEU A 96 3.80 4.75 -3.51
CA LEU A 96 5.15 5.29 -3.38
C LEU A 96 5.58 5.35 -1.92
N LEU A 97 4.69 5.81 -1.04
CA LEU A 97 5.00 5.85 0.38
C LEU A 97 5.22 4.45 0.94
N SER A 98 4.38 3.50 0.54
CA SER A 98 4.50 2.14 1.05
C SER A 98 5.82 1.50 0.61
N VAL A 99 6.21 1.71 -0.64
CA VAL A 99 7.47 1.13 -1.13
C VAL A 99 8.65 1.71 -0.35
N SER A 100 8.68 3.04 -0.17
CA SER A 100 9.81 3.66 0.51
C SER A 100 9.91 3.17 1.95
N PHE A 101 8.79 3.05 2.65
CA PHE A 101 8.91 2.63 4.04
C PHE A 101 9.02 1.13 4.20
N TYR A 102 8.75 0.37 3.14
CA TYR A 102 9.18 -1.03 3.08
C TYR A 102 10.70 -1.13 3.06
N PHE A 103 11.34 -0.44 2.11
CA PHE A 103 12.80 -0.39 2.10
C PHE A 103 13.33 0.19 3.41
N GLY A 104 12.56 1.08 4.04
CA GLY A 104 13.02 1.78 5.23
C GLY A 104 12.65 1.11 6.54
N ALA A 105 12.36 -0.19 6.49
CA ALA A 105 11.92 -0.91 7.69
C ALA A 105 12.93 -0.77 8.83
N ARG A 106 14.23 -0.73 8.52
CA ARG A 106 15.26 -0.70 9.54
C ARG A 106 15.77 0.71 9.86
N LEU A 107 15.14 1.74 9.31
CA LEU A 107 15.50 3.11 9.69
C LEU A 107 15.03 3.41 11.10
N ASN A 108 15.77 4.29 11.79
CA ASN A 108 15.36 4.66 13.13
C ASN A 108 14.35 5.81 13.07
N ARG A 109 13.84 6.19 14.24
CA ARG A 109 12.77 7.19 14.30
C ARG A 109 13.18 8.49 13.63
N ASN A 110 14.41 8.94 13.87
CA ASN A 110 14.86 10.20 13.27
C ASN A 110 15.02 10.06 11.76
N GLU A 111 15.45 8.89 11.30
CA GLU A 111 15.61 8.68 9.87
C GLU A 111 14.26 8.59 9.17
N ARG A 112 13.27 7.97 9.83
CA ARG A 112 11.93 7.93 9.25
C ARG A 112 11.36 9.33 9.12
N LYS A 113 11.57 10.17 10.13
CA LYS A 113 11.13 11.56 10.06
C LYS A 113 11.78 12.27 8.89
N ARG A 114 13.08 12.05 8.69
CA ARG A 114 13.78 12.69 7.58
C ARG A 114 13.23 12.22 6.24
N LEU A 115 13.07 10.91 6.09
CA LEU A 115 12.57 10.35 4.84
C LEU A 115 11.18 10.91 4.53
N PHE A 116 10.30 11.00 5.53
CA PHE A 116 8.99 11.57 5.24
C PHE A 116 9.10 13.05 4.89
N SER A 117 9.99 13.79 5.55
CA SER A 117 10.12 15.21 5.24
C SER A 117 10.57 15.43 3.80
N LEU A 118 11.43 14.55 3.29
CA LEU A 118 11.85 14.66 1.89
C LEU A 118 10.69 14.38 0.94
N ILE A 119 9.93 13.33 1.23
CA ILE A 119 8.76 12.98 0.42
C ILE A 119 7.72 14.09 0.49
N ASN A 120 7.44 14.58 1.70
CA ASN A 120 6.34 15.50 1.93
C ASN A 120 6.60 16.86 1.31
N ASP A 121 7.86 17.20 1.01
CA ASP A 121 8.12 18.49 0.40
C ASP A 121 7.88 18.52 -1.10
N LEU A 122 7.67 17.36 -1.72
CA LEU A 122 7.31 17.32 -3.13
C LEU A 122 5.79 17.30 -3.26
N PRO A 123 5.23 18.00 -4.24
CA PRO A 123 3.78 17.96 -4.43
C PRO A 123 3.32 16.51 -4.65
N THR A 124 2.21 16.16 -4.00
CA THR A 124 1.70 14.81 -4.22
C THR A 124 1.13 14.69 -5.63
N LEU A 125 1.12 13.45 -6.14
CA LEU A 125 0.48 13.20 -7.43
C LEU A 125 -0.97 13.65 -7.42
N PHE A 126 -1.67 13.40 -6.31
CA PHE A 126 -3.05 13.84 -6.16
C PHE A 126 -3.15 15.36 -6.31
N ASP A 127 -2.25 16.10 -5.68
CA ASP A 127 -2.32 17.56 -5.76
C ASP A 127 -1.98 18.05 -7.16
N VAL A 128 -1.03 17.40 -7.83
CA VAL A 128 -0.70 17.78 -9.21
C VAL A 128 -1.90 17.55 -10.11
N VAL A 129 -2.48 16.35 -10.06
CA VAL A 129 -3.56 15.99 -10.98
C VAL A 129 -4.79 16.85 -10.73
N THR A 130 -5.14 17.08 -9.47
CA THR A 130 -6.33 17.86 -9.15
C THR A 130 -6.09 19.36 -9.18
N GLY A 131 -4.85 19.81 -9.32
CA GLY A 131 -4.58 21.24 -9.34
C GLY A 131 -4.70 21.91 -8.00
N ARG A 132 -4.33 21.23 -6.92
CA ARG A 132 -4.41 21.81 -5.57
C ARG A 132 -3.07 22.39 -5.13
N SER B 2 -15.76 8.53 6.61
CA SER B 2 -14.32 8.31 6.55
C SER B 2 -13.57 9.34 7.35
N PRO B 3 -12.46 8.93 7.97
CA PRO B 3 -11.62 9.91 8.70
C PRO B 3 -11.10 10.96 7.75
N ARG B 4 -11.11 12.22 8.21
CA ARG B 4 -10.71 13.36 7.39
C ARG B 4 -9.62 14.20 8.05
N THR B 5 -9.82 14.58 9.31
CA THR B 5 -8.83 15.40 9.98
C THR B 5 -7.65 14.55 10.44
N VAL B 6 -6.54 15.23 10.74
CA VAL B 6 -5.37 14.57 11.30
C VAL B 6 -5.76 13.72 12.50
N GLU B 7 -6.56 14.30 13.40
CA GLU B 7 -6.95 13.60 14.62
C GLU B 7 -7.81 12.38 14.31
N GLU B 8 -8.77 12.52 13.40
CA GLU B 8 -9.61 11.38 13.02
C GLU B 8 -8.78 10.29 12.37
N ILE B 9 -7.86 10.67 11.47
CA ILE B 9 -7.05 9.67 10.79
C ILE B 9 -6.12 8.97 11.76
N PHE B 10 -5.54 9.71 12.72
CA PHE B 10 -4.64 9.06 13.68
C PHE B 10 -5.40 8.16 14.65
N LYS B 11 -6.63 8.53 15.02
CA LYS B 11 -7.45 7.65 15.83
C LYS B 11 -7.69 6.34 15.10
N ASP B 12 -8.05 6.43 13.81
CA ASP B 12 -8.25 5.26 12.97
C ASP B 12 -6.97 4.45 12.84
N TYR B 13 -5.85 5.12 12.55
CA TYR B 13 -4.56 4.44 12.50
C TYR B 13 -4.26 3.68 13.79
N SER B 14 -4.46 4.33 14.93
CA SER B 14 -4.07 3.73 16.20
C SER B 14 -4.89 2.48 16.49
N ALA B 15 -6.17 2.48 16.08
CA ALA B 15 -7.01 1.32 16.33
C ALA B 15 -6.63 0.14 15.44
N ARG B 16 -6.38 0.41 14.15
CA ARG B 16 -5.92 -0.66 13.27
C ARG B 16 -4.56 -1.19 13.70
N ARG B 17 -3.66 -0.30 14.12
CA ARG B 17 -2.35 -0.75 14.57
C ARG B 17 -2.45 -1.59 15.84
N ALA B 18 -3.31 -1.18 16.79
CA ALA B 18 -3.50 -1.98 17.99
C ALA B 18 -3.93 -3.40 17.64
N ALA B 19 -4.81 -3.53 16.64
CA ALA B 19 -5.27 -4.84 16.22
C ALA B 19 -4.12 -5.65 15.63
N LEU B 20 -3.35 -5.04 14.74
CA LEU B 20 -2.25 -5.75 14.09
C LEU B 20 -1.17 -6.12 15.10
N LEU B 21 -0.89 -5.21 16.04
CA LEU B 21 0.09 -5.52 17.09
C LEU B 21 -0.36 -6.71 17.91
N ARG B 22 -1.65 -6.77 18.26
CA ARG B 22 -2.18 -7.91 19.00
C ARG B 22 -2.04 -9.20 18.21
N ALA B 23 -2.35 -9.17 16.92
CA ALA B 23 -2.20 -10.36 16.10
C ALA B 23 -0.76 -10.87 16.10
N LEU B 24 0.21 -9.95 16.08
CA LEU B 24 1.60 -10.35 15.94
C LEU B 24 2.29 -10.65 17.27
N THR B 25 1.64 -10.38 18.40
CA THR B 25 2.27 -10.60 19.70
C THR B 25 1.37 -11.44 20.61
N LYS B 26 0.38 -10.81 21.25
CA LYS B 26 -0.46 -11.52 22.23
C LYS B 26 -1.20 -12.68 21.58
N ASP B 27 -1.70 -12.51 20.36
CA ASP B 27 -2.49 -13.51 19.67
C ASP B 27 -1.70 -14.28 18.62
N VAL B 28 -0.37 -14.33 18.74
CA VAL B 28 0.46 -14.78 17.62
C VAL B 28 0.22 -16.25 17.28
N ASP B 29 -0.02 -17.10 18.28
CA ASP B 29 -0.26 -18.52 17.96
C ASP B 29 -1.54 -18.69 17.16
N ASP B 30 -2.58 -17.95 17.54
CA ASP B 30 -3.85 -17.99 16.83
C ASP B 30 -3.69 -17.42 15.43
N PHE B 31 -3.01 -16.28 15.30
CA PHE B 31 -2.78 -15.68 14.00
C PHE B 31 -1.94 -16.60 13.10
N TYR B 32 -0.87 -17.17 13.66
CA TYR B 32 -0.05 -18.12 12.91
C TYR B 32 -0.87 -19.26 12.36
N SER B 33 -1.73 -19.83 13.21
CA SER B 33 -2.60 -20.94 12.78
C SER B 33 -3.56 -20.51 11.70
N GLN B 34 -4.07 -19.28 11.79
CA GLN B 34 -5.02 -18.79 10.78
C GLN B 34 -4.39 -18.70 9.41
N CYS B 35 -3.09 -18.41 9.36
CA CYS B 35 -2.37 -18.26 8.09
C CYS B 35 -1.91 -19.61 7.55
N ASP B 36 -2.90 -20.47 7.33
CA ASP B 36 -2.62 -21.84 6.92
C ASP B 36 -2.08 -21.86 5.50
N PRO B 37 -0.90 -22.44 5.26
CA PRO B 37 -0.36 -22.48 3.90
C PRO B 37 -1.24 -23.19 2.90
N GLU B 38 -2.16 -24.06 3.35
CA GLU B 38 -2.99 -24.81 2.43
C GLU B 38 -4.27 -24.09 2.04
N LYS B 39 -4.63 -23.01 2.74
CA LYS B 39 -5.73 -22.16 2.33
C LYS B 39 -5.36 -21.37 1.07
N GLU B 40 -6.37 -20.74 0.48
CA GLU B 40 -6.14 -19.77 -0.59
C GLU B 40 -5.36 -18.56 -0.04
N ASN B 41 -4.98 -17.64 -0.93
CA ASN B 41 -4.12 -16.54 -0.49
C ASN B 41 -4.84 -15.65 0.51
N LEU B 42 -4.15 -15.34 1.61
CA LEU B 42 -4.75 -14.60 2.72
C LEU B 42 -4.02 -13.29 2.97
N CYS B 43 -4.75 -12.37 3.61
CA CYS B 43 -4.25 -11.07 4.06
C CYS B 43 -4.54 -10.89 5.53
N LEU B 44 -3.76 -10.03 6.18
CA LEU B 44 -4.02 -9.65 7.57
C LEU B 44 -4.52 -8.21 7.59
N TYR B 45 -5.72 -8.01 8.11
CA TYR B 45 -6.33 -6.70 8.25
C TYR B 45 -6.36 -6.26 9.70
N GLY B 46 -6.28 -4.95 9.91
CA GLY B 46 -6.61 -4.36 11.19
C GLY B 46 -7.74 -3.39 10.98
N HIS B 47 -8.78 -3.45 11.83
CA HIS B 47 -9.99 -2.67 11.65
C HIS B 47 -10.11 -1.58 12.71
N PRO B 48 -10.88 -0.52 12.45
CA PRO B 48 -10.95 0.60 13.40
C PRO B 48 -11.65 0.28 14.72
N ASN B 49 -12.32 -0.86 14.83
CA ASN B 49 -12.82 -1.33 16.13
C ASN B 49 -11.79 -2.17 16.87
N GLU B 50 -10.53 -2.16 16.42
CA GLU B 50 -9.40 -2.85 17.03
C GLU B 50 -9.50 -4.37 16.93
N SER B 51 -10.28 -4.89 15.98
CA SER B 51 -10.25 -6.31 15.67
C SER B 51 -9.26 -6.57 14.55
N TRP B 52 -8.60 -7.73 14.59
CA TRP B 52 -7.81 -8.16 13.45
C TRP B 52 -8.52 -9.27 12.69
N GLU B 53 -8.13 -9.45 11.43
CA GLU B 53 -8.81 -10.42 10.59
C GLU B 53 -7.85 -11.01 9.58
N VAL B 54 -7.91 -12.33 9.43
CA VAL B 54 -7.20 -13.04 8.37
C VAL B 54 -8.26 -13.54 7.40
N ASN B 55 -8.14 -13.14 6.12
CA ASN B 55 -9.17 -13.51 5.16
C ASN B 55 -8.62 -13.36 3.74
N LEU B 56 -9.42 -13.83 2.78
CA LEU B 56 -9.16 -13.56 1.38
C LEU B 56 -9.17 -12.04 1.13
N PRO B 57 -8.52 -11.60 0.05
CA PRO B 57 -8.62 -10.19 -0.35
C PRO B 57 -10.00 -9.87 -0.87
N ALA B 58 -10.25 -8.58 -1.05
CA ALA B 58 -11.54 -8.12 -1.54
C ALA B 58 -11.85 -8.75 -2.89
N GLU B 59 -13.09 -9.24 -3.04
CA GLU B 59 -13.47 -9.93 -4.27
C GLU B 59 -13.48 -8.99 -5.47
N GLU B 60 -13.96 -7.77 -5.27
CA GLU B 60 -14.08 -6.78 -6.34
C GLU B 60 -12.97 -5.75 -6.24
N VAL B 61 -12.42 -5.38 -7.39
CA VAL B 61 -11.30 -4.44 -7.44
C VAL B 61 -11.60 -3.34 -8.46
N PRO B 62 -11.04 -2.14 -8.32
CA PRO B 62 -10.13 -1.78 -7.22
C PRO B 62 -10.88 -1.57 -5.92
N PRO B 63 -10.28 -1.99 -4.81
CA PRO B 63 -10.96 -1.88 -3.51
C PRO B 63 -11.11 -0.44 -3.09
N GLU B 64 -12.02 -0.21 -2.14
CA GLU B 64 -12.23 1.14 -1.63
C GLU B 64 -11.00 1.65 -0.90
N LEU B 65 -10.42 0.82 -0.05
CA LEU B 65 -9.20 1.15 0.67
C LEU B 65 -8.01 0.39 0.10
N PRO B 66 -6.80 0.93 0.23
CA PRO B 66 -5.60 0.14 -0.08
C PRO B 66 -5.66 -1.23 0.58
N GLU B 67 -5.14 -2.26 -0.13
CA GLU B 67 -5.21 -3.63 0.36
C GLU B 67 -3.91 -4.04 1.07
N PRO B 68 -4.01 -4.88 2.09
CA PRO B 68 -2.80 -5.46 2.70
C PRO B 68 -2.10 -6.41 1.74
N ALA B 69 -0.87 -6.76 2.11
CA ALA B 69 -0.09 -7.71 1.32
C ALA B 69 -0.84 -9.03 1.17
N LEU B 70 -0.79 -9.60 -0.02
CA LEU B 70 -1.57 -10.78 -0.38
C LEU B 70 -0.74 -12.06 -0.24
N GLY B 71 -1.36 -13.12 0.28
CA GLY B 71 -0.72 -14.42 0.32
C GLY B 71 0.32 -14.61 1.41
N ILE B 72 0.18 -13.93 2.54
CA ILE B 72 1.20 -14.09 3.59
C ILE B 72 1.27 -15.53 4.09
N ASN B 73 0.18 -16.30 3.95
CA ASN B 73 0.24 -17.70 4.37
C ASN B 73 1.11 -18.55 3.45
N PHE B 74 1.35 -18.09 2.23
CA PHE B 74 2.23 -18.82 1.31
C PHE B 74 3.70 -18.70 1.70
N ALA B 75 4.04 -17.75 2.57
CA ALA B 75 5.41 -17.58 3.01
C ALA B 75 5.68 -18.17 4.38
N ARG B 76 4.63 -18.61 5.09
CA ARG B 76 4.76 -18.94 6.51
C ARG B 76 5.74 -20.08 6.74
N ASP B 77 5.64 -21.16 5.95
CA ASP B 77 6.45 -22.35 6.18
C ASP B 77 7.74 -22.36 5.39
N GLY B 78 8.06 -21.29 4.66
CA GLY B 78 9.27 -21.20 3.88
C GLY B 78 10.40 -20.45 4.53
N MET B 79 10.23 -20.02 5.79
CA MET B 79 11.24 -19.25 6.48
C MET B 79 11.01 -19.45 7.97
N GLN B 80 11.98 -19.02 8.76
CA GLN B 80 11.87 -19.09 10.21
C GLN B 80 10.69 -18.23 10.68
N ARG B 81 10.11 -18.64 11.81
CA ARG B 81 8.96 -17.92 12.35
C ARG B 81 9.28 -16.45 12.59
N LYS B 82 10.46 -16.15 13.15
CA LYS B 82 10.83 -14.77 13.43
C LYS B 82 10.91 -13.95 12.15
N ASP B 83 11.37 -14.55 11.06
CA ASP B 83 11.49 -13.84 9.79
C ASP B 83 10.14 -13.66 9.11
N TRP B 84 9.24 -14.65 9.26
CA TRP B 84 7.90 -14.50 8.70
C TRP B 84 7.13 -13.42 9.45
N LEU B 85 7.22 -13.40 10.79
CA LEU B 85 6.54 -12.36 11.54
C LEU B 85 7.07 -10.98 11.19
N SER B 86 8.38 -10.86 10.99
CA SER B 86 8.92 -9.54 10.64
C SER B 86 8.48 -9.14 9.23
N LEU B 87 8.38 -10.10 8.31
CA LEU B 87 7.84 -9.81 6.98
C LEU B 87 6.41 -9.30 7.06
N VAL B 88 5.55 -10.02 7.81
CA VAL B 88 4.18 -9.56 7.98
C VAL B 88 4.15 -8.19 8.65
N ALA B 89 5.04 -7.96 9.63
CA ALA B 89 5.06 -6.69 10.34
C ALA B 89 5.39 -5.53 9.41
N VAL B 90 6.42 -5.67 8.57
CA VAL B 90 6.77 -4.54 7.72
C VAL B 90 5.65 -4.26 6.72
N HIS B 91 5.09 -5.30 6.10
CA HIS B 91 3.99 -5.06 5.18
C HIS B 91 2.80 -4.45 5.90
N SER B 92 2.59 -4.81 7.18
CA SER B 92 1.47 -4.23 7.92
C SER B 92 1.74 -2.78 8.27
N ASP B 93 2.97 -2.46 8.67
CA ASP B 93 3.38 -1.08 8.85
C ASP B 93 3.11 -0.26 7.59
N CYS B 94 3.50 -0.80 6.44
CA CYS B 94 3.28 -0.12 5.17
C CYS B 94 1.80 0.06 4.87
N TRP B 95 1.00 -0.98 5.14
CA TRP B 95 -0.44 -0.88 4.92
C TRP B 95 -1.05 0.21 5.78
N LEU B 96 -0.68 0.25 7.07
CA LEU B 96 -1.15 1.30 7.98
C LEU B 96 -0.85 2.69 7.44
N LEU B 97 0.39 2.91 7.00
CA LEU B 97 0.76 4.20 6.41
C LEU B 97 -0.08 4.49 5.17
N SER B 98 -0.24 3.48 4.31
CA SER B 98 -0.99 3.68 3.07
C SER B 98 -2.43 4.06 3.34
N VAL B 99 -3.09 3.34 4.25
CA VAL B 99 -4.47 3.66 4.59
C VAL B 99 -4.57 5.07 5.16
N SER B 100 -3.66 5.44 6.06
CA SER B 100 -3.76 6.76 6.69
C SER B 100 -3.62 7.88 5.67
N PHE B 101 -2.67 7.75 4.75
CA PHE B 101 -2.49 8.83 3.80
C PHE B 101 -3.39 8.70 2.59
N TYR B 102 -4.10 7.58 2.45
CA TYR B 102 -5.26 7.54 1.57
C TYR B 102 -6.37 8.43 2.11
N PHE B 103 -6.74 8.22 3.36
CA PHE B 103 -7.69 9.11 4.03
C PHE B 103 -7.18 10.55 4.03
N GLY B 104 -5.87 10.74 4.14
CA GLY B 104 -5.29 12.07 4.27
C GLY B 104 -4.91 12.74 2.98
N ALA B 105 -5.45 12.27 1.85
CA ALA B 105 -5.06 12.82 0.56
C ALA B 105 -5.36 14.31 0.45
N ARG B 106 -6.43 14.78 1.08
CA ARG B 106 -6.83 16.17 0.98
C ARG B 106 -6.19 17.05 2.05
N LEU B 107 -5.38 16.48 2.94
CA LEU B 107 -4.64 17.29 3.90
C LEU B 107 -3.55 18.08 3.18
N ASN B 108 -3.27 19.27 3.68
CA ASN B 108 -2.16 20.04 3.12
C ASN B 108 -0.83 19.49 3.64
N ARG B 109 0.26 20.07 3.14
CA ARG B 109 1.60 19.61 3.47
C ARG B 109 1.85 19.58 4.98
N ASN B 110 1.49 20.66 5.67
CA ASN B 110 1.82 20.74 7.09
C ASN B 110 0.96 19.78 7.90
N GLU B 111 -0.27 19.54 7.47
CA GLU B 111 -1.11 18.59 8.18
C GLU B 111 -0.66 17.16 7.92
N ARG B 112 -0.21 16.86 6.70
CA ARG B 112 0.39 15.55 6.45
C ARG B 112 1.62 15.34 7.31
N LYS B 113 2.47 16.36 7.45
CA LYS B 113 3.63 16.24 8.31
C LYS B 113 3.22 15.98 9.75
N ARG B 114 2.19 16.69 10.21
CA ARG B 114 1.73 16.50 11.59
C ARG B 114 1.18 15.10 11.79
N LEU B 115 0.46 14.57 10.81
CA LEU B 115 -0.06 13.21 10.90
C LEU B 115 1.08 12.21 11.00
N PHE B 116 2.14 12.40 10.20
CA PHE B 116 3.25 11.46 10.30
C PHE B 116 3.94 11.56 11.66
N SER B 117 4.01 12.78 12.24
CA SER B 117 4.67 12.93 13.54
C SER B 117 3.94 12.17 14.63
N LEU B 118 2.61 12.10 14.55
CA LEU B 118 1.86 11.28 15.49
C LEU B 118 2.17 9.81 15.26
N ILE B 119 2.14 9.37 14.00
CA ILE B 119 2.42 7.98 13.68
C ILE B 119 3.83 7.60 14.11
N ASN B 120 4.80 8.49 13.87
CA ASN B 120 6.20 8.18 14.11
C ASN B 120 6.58 8.22 15.57
N ASP B 121 5.69 8.68 16.46
CA ASP B 121 5.96 8.60 17.89
C ASP B 121 5.76 7.19 18.44
N LEU B 122 5.13 6.31 17.67
CA LEU B 122 4.86 4.95 18.08
C LEU B 122 5.92 4.01 17.50
N PRO B 123 6.29 2.97 18.24
CA PRO B 123 7.17 1.95 17.65
C PRO B 123 6.45 1.27 16.50
N THR B 124 7.19 0.99 15.43
CA THR B 124 6.57 0.27 14.34
C THR B 124 6.33 -1.18 14.75
N LEU B 125 5.39 -1.83 14.05
CA LEU B 125 5.18 -3.25 14.27
C LEU B 125 6.47 -4.02 14.04
N PHE B 126 7.23 -3.63 13.02
CA PHE B 126 8.53 -4.25 12.77
C PHE B 126 9.46 -4.07 13.97
N ASP B 127 9.51 -2.86 14.52
CA ASP B 127 10.34 -2.62 15.71
C ASP B 127 9.94 -3.56 16.84
N VAL B 128 8.63 -3.68 17.09
CA VAL B 128 8.17 -4.47 18.23
C VAL B 128 8.51 -5.94 18.02
N VAL B 129 8.17 -6.48 16.85
CA VAL B 129 8.30 -7.91 16.62
C VAL B 129 9.76 -8.34 16.61
N THR B 130 10.64 -7.50 16.08
CA THR B 130 12.07 -7.82 16.04
C THR B 130 12.82 -7.44 17.31
N GLY B 131 12.16 -6.80 18.28
CA GLY B 131 12.81 -6.48 19.53
C GLY B 131 13.77 -5.31 19.48
N ARG B 132 13.60 -4.41 18.52
CA ARG B 132 14.45 -3.24 18.42
C ARG B 132 14.30 -2.30 19.62
N GLU C 1 -28.07 10.24 -16.14
CA GLU C 1 -26.79 9.77 -16.65
C GLU C 1 -26.69 8.25 -16.58
N VAL C 2 -25.77 7.69 -17.36
CA VAL C 2 -25.46 6.26 -17.34
C VAL C 2 -24.33 6.02 -16.36
N ARG C 3 -24.47 4.99 -15.53
CA ARG C 3 -23.47 4.66 -14.50
C ARG C 3 -23.01 3.24 -14.73
N GLN C 4 -21.85 3.09 -15.37
CA GLN C 4 -21.27 1.77 -15.53
C GLN C 4 -20.68 1.29 -14.21
N LYS C 5 -20.46 -0.01 -14.11
CA LYS C 5 -19.76 -0.54 -12.94
C LYS C 5 -18.37 0.08 -12.85
N LYS C 6 -17.99 0.32 -11.60
CA LYS C 6 -16.68 0.89 -11.20
C LYS C 6 -15.72 -0.12 -10.52
N ARG C 7 -16.24 -1.29 -10.20
CA ARG C 7 -15.43 -2.40 -9.72
C ARG C 7 -15.86 -3.64 -10.49
N ARG C 8 -14.99 -4.64 -10.46
CA ARG C 8 -15.27 -5.93 -11.09
C ARG C 8 -14.51 -6.99 -10.30
N LYS C 9 -14.98 -8.23 -10.38
CA LYS C 9 -14.32 -9.30 -9.65
C LYS C 9 -12.88 -9.43 -10.14
N ARG C 10 -11.96 -9.69 -9.21
CA ARG C 10 -10.57 -9.81 -9.59
C ARG C 10 -10.41 -10.94 -10.60
N SER C 11 -9.41 -10.80 -11.47
CA SER C 11 -9.33 -11.66 -12.65
C SER C 11 -9.12 -13.12 -12.28
N THR C 12 -8.52 -13.39 -11.13
CA THR C 12 -8.37 -14.78 -10.70
C THR C 12 -9.72 -15.39 -10.32
N GLN D 4 12.30 -23.47 1.99
CA GLN D 4 11.59 -23.58 0.72
C GLN D 4 11.19 -22.21 0.15
N LYS D 5 9.95 -22.11 -0.32
CA LYS D 5 9.54 -21.00 -1.18
C LYS D 5 9.12 -19.76 -0.37
N LYS D 6 9.50 -18.60 -0.87
CA LYS D 6 9.06 -17.32 -0.29
C LYS D 6 7.69 -16.90 -0.82
N ARG D 7 7.20 -17.53 -1.88
CA ARG D 7 5.96 -17.10 -2.52
C ARG D 7 5.54 -18.16 -3.52
N ARG D 8 4.28 -18.09 -3.93
CA ARG D 8 3.73 -19.01 -4.92
C ARG D 8 2.59 -18.31 -5.66
N LYS D 9 2.07 -18.90 -6.74
CA LYS D 9 1.15 -18.15 -7.60
C LYS D 9 -0.14 -17.78 -6.86
N ARG D 10 -0.64 -16.71 -7.27
CA ARG D 10 -1.85 -16.24 -6.60
C ARG D 10 -3.02 -17.16 -6.90
N SER D 11 -3.96 -17.23 -5.94
CA SER D 11 -5.04 -18.20 -6.01
C SER D 11 -5.96 -17.89 -7.19
N THR D 12 -6.60 -18.94 -7.71
CA THR D 12 -7.59 -18.77 -8.77
C THR D 12 -8.99 -18.80 -8.18
#